data_4CHZ
#
_entry.id   4CHZ
#
_cell.length_a   71.160
_cell.length_b   71.160
_cell.length_c   66.790
_cell.angle_alpha   90.00
_cell.angle_beta   90.00
_cell.angle_gamma   120.00
#
_symmetry.space_group_name_H-M   'P 31'
#
loop_
_entity.id
_entity.type
_entity.pdbx_description
1 polymer INTEGRASE
2 non-polymer 'SULFATE ION'
3 non-polymer 'ACETATE ION'
4 non-polymer 'CHLORIDE ION'
5 non-polymer 1,2-ETHANEDIOL
6 non-polymer 2-(4-bromophenyl)-5,6,7,8-tetrahydroimidazo[1,5-a]pyridin-3(2H)-one
7 non-polymer LYSINE
8 water water
#
_entity_poly.entity_id   1
_entity_poly.type   'polypeptide(L)'
_entity_poly.pdbx_seq_one_letter_code
;MGSSHHHHHHSSGLVPRGSHMHGQVDSSPGIWQLDCTHLEGKVILVAVHVASGYIEAEVIPAETGQETAYFLLKLAGRWP
VKTVHTDNGSNFTSTTVKAACWWAGIKQEDGIPYNPQSQGVIESMNKELKKIIGQVRDQAEHLKTAVQMAVFIHNHKRKG
GIGGYSAGERIVDIIATDIQTKE
;
_entity_poly.pdbx_strand_id   A,B
#
loop_
_chem_comp.id
_chem_comp.type
_chem_comp.name
_chem_comp.formula
ACT non-polymer 'ACETATE ION' 'C2 H3 O2 -1'
CL non-polymer 'CHLORIDE ION' 'Cl -1'
EDO non-polymer 1,2-ETHANEDIOL 'C2 H6 O2'
H75 non-polymer 2-(4-bromophenyl)-5,6,7,8-tetrahydroimidazo[1,5-a]pyridin-3(2H)-one 'C13 H13 Br N2 O'
SO4 non-polymer 'SULFATE ION' 'O4 S -2'
#
# COMPACT_ATOMS: atom_id res chain seq x y z
N SER A 27 -22.13 1.86 0.85
CA SER A 27 -21.22 2.63 -0.05
C SER A 27 -19.97 3.12 0.67
N SER A 28 -20.16 3.67 1.89
CA SER A 28 -19.10 4.30 2.68
C SER A 28 -17.80 3.49 2.91
N PRO A 29 -17.90 2.15 3.08
CA PRO A 29 -16.63 1.42 3.22
C PRO A 29 -15.67 1.54 2.03
N GLY A 30 -16.20 1.78 0.82
CA GLY A 30 -15.37 1.83 -0.39
C GLY A 30 -15.05 3.23 -0.91
N ILE A 31 -15.31 4.28 -0.14
CA ILE A 31 -15.15 5.65 -0.65
C ILE A 31 -13.81 6.27 -0.25
N TRP A 32 -13.04 6.69 -1.26
CA TRP A 32 -11.76 7.33 -1.06
C TRP A 32 -11.74 8.69 -1.75
N GLN A 33 -10.86 9.57 -1.24
CA GLN A 33 -10.68 10.91 -1.80
CA GLN A 33 -10.68 10.90 -1.81
C GLN A 33 -9.21 11.14 -2.12
N LEU A 34 -8.93 11.61 -3.33
CA LEU A 34 -7.58 11.97 -3.73
C LEU A 34 -7.26 13.39 -3.30
N ASP A 35 -5.99 13.62 -2.96
CA ASP A 35 -5.52 14.91 -2.48
C ASP A 35 -4.07 15.08 -2.95
N CYS A 36 -3.77 16.25 -3.50
CA CYS A 36 -2.44 16.54 -3.99
C CYS A 36 -1.92 17.78 -3.25
N THR A 37 -0.76 17.65 -2.63
CA THR A 37 -0.14 18.75 -1.90
C THR A 37 1.34 18.86 -2.30
N HIS A 38 1.95 20.01 -2.01
CA HIS A 38 3.31 20.28 -2.48
C HIS A 38 4.26 20.55 -1.32
N LEU A 39 5.51 20.09 -1.48
CA LEU A 39 6.55 20.32 -0.49
C LEU A 39 7.93 20.09 -1.13
N GLU A 40 8.89 20.96 -0.82
CA GLU A 40 10.26 20.86 -1.35
C GLU A 40 10.34 20.82 -2.87
N GLY A 41 9.45 21.54 -3.54
CA GLY A 41 9.38 21.53 -5.00
C GLY A 41 8.92 20.20 -5.59
N LYS A 42 8.34 19.34 -4.77
CA LYS A 42 7.85 18.04 -5.20
C LYS A 42 6.36 17.93 -4.88
N VAL A 43 5.76 16.86 -5.35
CA VAL A 43 4.34 16.62 -5.21
C VAL A 43 4.13 15.40 -4.31
N ILE A 44 3.21 15.53 -3.37
CA ILE A 44 2.81 14.40 -2.52
C ILE A 44 1.36 14.10 -2.86
N LEU A 45 1.13 12.89 -3.37
CA LEU A 45 -0.21 12.43 -3.72
C LEU A 45 -0.73 11.56 -2.59
N VAL A 46 -1.92 11.91 -2.08
CA VAL A 46 -2.52 11.24 -0.93
C VAL A 46 -3.87 10.68 -1.31
N ALA A 47 -4.18 9.47 -0.84
CA ALA A 47 -5.52 8.92 -0.91
C ALA A 47 -6.02 8.77 0.53
N VAL A 48 -7.19 9.34 0.80
N VAL A 48 -7.18 9.36 0.82
CA VAL A 48 -7.80 9.26 2.12
CA VAL A 48 -7.77 9.26 2.16
C VAL A 48 -9.05 8.40 2.09
C VAL A 48 -9.05 8.42 2.11
N HIS A 49 -9.14 7.44 3.01
CA HIS A 49 -10.35 6.66 3.19
C HIS A 49 -11.25 7.55 4.04
N VAL A 50 -12.32 8.05 3.44
N VAL A 50 -12.32 8.09 3.43
CA VAL A 50 -13.09 9.16 4.00
CA VAL A 50 -13.06 9.21 4.04
C VAL A 50 -13.69 8.83 5.38
C VAL A 50 -13.69 8.85 5.39
N ALA A 51 -14.24 7.64 5.51
CA ALA A 51 -14.91 7.22 6.75
C ALA A 51 -13.97 7.01 7.95
N SER A 52 -12.70 6.66 7.69
CA SER A 52 -11.73 6.36 8.76
C SER A 52 -10.64 7.40 8.98
N GLY A 53 -10.27 8.12 7.93
CA GLY A 53 -9.12 9.01 7.96
C GLY A 53 -7.80 8.32 7.63
N TYR A 54 -7.87 7.04 7.30
CA TYR A 54 -6.67 6.26 6.95
C TYR A 54 -6.14 6.77 5.62
N ILE A 55 -4.82 6.83 5.48
CA ILE A 55 -4.21 7.33 4.25
C ILE A 55 -3.13 6.41 3.65
N GLU A 56 -2.94 6.54 2.35
CA GLU A 56 -1.75 6.08 1.67
C GLU A 56 -1.23 7.29 0.90
N ALA A 57 0.09 7.37 0.69
CA ALA A 57 0.69 8.52 0.03
C ALA A 57 1.96 8.13 -0.70
N GLU A 58 2.32 8.93 -1.70
CA GLU A 58 3.55 8.76 -2.46
CA GLU A 58 3.54 8.76 -2.46
C GLU A 58 4.09 10.12 -2.87
N VAL A 59 5.40 10.19 -3.06
CA VAL A 59 6.03 11.36 -3.66
C VAL A 59 6.21 11.10 -5.15
N ILE A 60 5.81 12.07 -5.95
CA ILE A 60 6.00 12.00 -7.41
C ILE A 60 6.62 13.29 -7.92
N PRO A 61 7.29 13.24 -9.09
CA PRO A 61 7.91 14.47 -9.59
C PRO A 61 6.87 15.54 -9.92
N ALA A 62 5.76 15.10 -10.48
CA ALA A 62 4.67 15.99 -10.90
C ALA A 62 3.39 15.18 -11.01
N GLU A 63 2.23 15.82 -10.82
N GLU A 63 2.24 15.82 -10.80
CA GLU A 63 0.95 15.11 -10.88
CA GLU A 63 0.98 15.12 -10.87
C GLU A 63 0.39 14.93 -12.28
C GLU A 63 0.56 15.02 -12.34
N THR A 64 0.81 13.86 -12.94
CA THR A 64 0.37 13.57 -14.30
C THR A 64 -0.74 12.51 -14.23
N GLY A 65 -1.43 12.32 -15.34
CA GLY A 65 -2.41 11.25 -15.43
C GLY A 65 -1.78 9.88 -15.23
N GLN A 66 -0.62 9.66 -15.83
N GLN A 66 -0.62 9.66 -15.83
CA GLN A 66 0.07 8.38 -15.69
CA GLN A 66 0.07 8.38 -15.68
C GLN A 66 0.44 8.07 -14.24
C GLN A 66 0.44 8.07 -14.24
N GLU A 67 0.93 9.06 -13.50
CA GLU A 67 1.28 8.87 -12.09
C GLU A 67 0.04 8.62 -11.24
N THR A 68 -1.02 9.38 -11.50
CA THR A 68 -2.27 9.22 -10.75
C THR A 68 -2.89 7.84 -11.03
N ALA A 69 -2.90 7.44 -12.30
CA ALA A 69 -3.42 6.13 -12.69
C ALA A 69 -2.71 4.98 -11.98
N TYR A 70 -1.37 5.05 -11.95
CA TYR A 70 -0.57 4.02 -11.31
C TYR A 70 -0.82 3.97 -9.80
N PHE A 71 -0.93 5.14 -9.17
CA PHE A 71 -1.22 5.25 -7.74
C PHE A 71 -2.56 4.61 -7.41
N LEU A 72 -3.59 4.87 -8.23
CA LEU A 72 -4.91 4.27 -8.03
C LEU A 72 -4.91 2.75 -8.24
N LEU A 73 -4.15 2.27 -9.22
CA LEU A 73 -4.02 0.84 -9.44
C LEU A 73 -3.43 0.17 -8.19
N LYS A 74 -2.38 0.75 -7.63
CA LYS A 74 -1.78 0.22 -6.40
CA LYS A 74 -1.78 0.22 -6.40
C LYS A 74 -2.79 0.21 -5.26
N LEU A 75 -3.47 1.34 -5.06
CA LEU A 75 -4.43 1.47 -3.97
C LEU A 75 -5.52 0.40 -4.04
N ALA A 76 -6.09 0.21 -5.22
CA ALA A 76 -7.21 -0.71 -5.44
C ALA A 76 -6.83 -2.19 -5.35
N GLY A 77 -5.55 -2.50 -5.54
CA GLY A 77 -5.08 -3.87 -5.31
C GLY A 77 -4.92 -4.18 -3.84
N ARG A 78 -4.86 -3.14 -3.01
CA ARG A 78 -4.59 -3.27 -1.59
C ARG A 78 -5.82 -3.12 -0.69
N TRP A 79 -6.78 -2.30 -1.12
CA TRP A 79 -8.05 -2.09 -0.40
C TRP A 79 -9.23 -2.15 -1.38
N PRO A 80 -10.44 -2.46 -0.89
CA PRO A 80 -11.61 -2.56 -1.78
C PRO A 80 -12.17 -1.19 -2.14
N VAL A 81 -11.55 -0.56 -3.14
CA VAL A 81 -11.86 0.81 -3.56
C VAL A 81 -13.04 0.77 -4.54
N LYS A 82 -14.17 1.33 -4.12
CA LYS A 82 -15.37 1.37 -4.95
C LYS A 82 -15.52 2.69 -5.69
N THR A 83 -15.25 3.78 -4.97
CA THR A 83 -15.44 5.12 -5.47
C THR A 83 -14.25 5.98 -5.10
N VAL A 84 -13.75 6.74 -6.08
CA VAL A 84 -12.69 7.73 -5.83
CA VAL A 84 -12.70 7.73 -5.84
C VAL A 84 -13.18 9.12 -6.22
N HIS A 85 -13.16 10.05 -5.26
CA HIS A 85 -13.41 11.45 -5.55
C HIS A 85 -12.07 12.02 -5.96
N THR A 86 -11.96 12.36 -7.24
CA THR A 86 -10.69 12.84 -7.80
CA THR A 86 -10.70 12.83 -7.80
C THR A 86 -10.38 14.23 -7.28
N ASP A 87 -9.10 14.58 -7.27
CA ASP A 87 -8.62 15.80 -6.63
C ASP A 87 -8.75 17.06 -7.48
N ASN A 88 -8.84 16.90 -8.79
CA ASN A 88 -9.02 18.04 -9.69
C ASN A 88 -9.63 17.60 -11.02
N GLY A 89 -9.95 18.57 -11.87
CA GLY A 89 -10.60 18.30 -13.14
C GLY A 89 -9.72 17.65 -14.18
N SER A 90 -8.42 17.88 -14.09
CA SER A 90 -7.48 17.28 -15.05
C SER A 90 -7.40 15.77 -14.84
N ASN A 91 -7.29 15.33 -13.58
CA ASN A 91 -7.35 13.89 -13.27
C ASN A 91 -8.72 13.26 -13.53
N PHE A 92 -9.79 14.02 -13.33
CA PHE A 92 -11.14 13.55 -13.66
C PHE A 92 -11.29 13.32 -15.17
N THR A 93 -10.68 14.19 -15.96
CA THR A 93 -10.77 14.15 -17.42
C THR A 93 -9.81 13.13 -18.04
N SER A 94 -8.66 12.94 -17.41
CA SER A 94 -7.56 12.13 -17.95
C SER A 94 -7.98 10.75 -18.46
N THR A 95 -7.66 10.44 -19.72
N THR A 95 -7.66 10.44 -19.72
CA THR A 95 -7.98 9.13 -20.29
CA THR A 95 -7.96 9.12 -20.29
C THR A 95 -7.19 8.02 -19.58
C THR A 95 -7.19 8.03 -19.57
N THR A 96 -5.96 8.33 -19.17
CA THR A 96 -5.13 7.38 -18.46
CA THR A 96 -5.12 7.37 -18.44
C THR A 96 -5.71 7.06 -17.08
N VAL A 97 -6.18 8.09 -16.36
CA VAL A 97 -6.84 7.88 -15.08
C VAL A 97 -8.15 7.11 -15.28
N LYS A 98 -8.93 7.47 -16.29
CA LYS A 98 -10.16 6.74 -16.59
C LYS A 98 -9.91 5.27 -16.92
N ALA A 99 -8.82 5.00 -17.64
CA ALA A 99 -8.43 3.63 -17.99
C ALA A 99 -8.08 2.80 -16.75
N ALA A 100 -7.35 3.39 -15.82
CA ALA A 100 -7.01 2.73 -14.56
C ALA A 100 -8.24 2.46 -13.71
N CYS A 101 -9.15 3.43 -13.63
CA CYS A 101 -10.38 3.24 -12.88
C CYS A 101 -11.24 2.14 -13.51
N TRP A 102 -11.34 2.13 -14.84
CA TRP A 102 -12.02 1.04 -15.53
C TRP A 102 -11.36 -0.31 -15.18
N TRP A 103 -10.04 -0.38 -15.30
CA TRP A 103 -9.32 -1.64 -15.09
C TRP A 103 -9.59 -2.18 -13.69
N ALA A 104 -9.47 -1.30 -12.69
CA ALA A 104 -9.54 -1.67 -11.28
C ALA A 104 -10.96 -1.69 -10.70
N GLY A 105 -11.98 -1.43 -11.52
CA GLY A 105 -13.37 -1.46 -11.05
C GLY A 105 -13.74 -0.30 -10.13
N ILE A 106 -13.13 0.86 -10.36
CA ILE A 106 -13.38 2.05 -9.55
C ILE A 106 -14.32 3.00 -10.25
N LYS A 107 -15.35 3.46 -9.53
CA LYS A 107 -16.20 4.54 -10.00
CA LYS A 107 -16.20 4.55 -9.98
C LYS A 107 -15.50 5.88 -9.76
N GLN A 108 -15.17 6.55 -10.84
CA GLN A 108 -14.46 7.80 -10.77
C GLN A 108 -15.49 8.92 -10.66
N GLU A 109 -15.39 9.71 -9.60
CA GLU A 109 -16.30 10.81 -9.38
C GLU A 109 -15.53 12.12 -9.25
N ASP A 110 -16.25 13.22 -9.28
CA ASP A 110 -15.65 14.53 -9.01
C ASP A 110 -15.37 14.65 -7.50
N GLY A 111 -14.72 15.73 -7.11
CA GLY A 111 -14.35 15.97 -5.72
C GLY A 111 -14.92 17.29 -5.22
N ILE A 112 -16.01 17.73 -5.86
CA ILE A 112 -16.65 18.99 -5.52
CA ILE A 112 -16.64 19.01 -5.52
C ILE A 112 -17.20 18.89 -4.10
N PRO A 113 -16.75 19.78 -3.19
CA PRO A 113 -17.22 19.67 -1.82
C PRO A 113 -18.64 20.21 -1.65
N TYR A 114 -19.62 19.39 -2.01
CA TYR A 114 -21.04 19.74 -1.83
C TYR A 114 -21.30 20.01 -0.36
N ASN A 115 -20.68 19.20 0.50
CA ASN A 115 -20.54 19.52 1.91
C ASN A 115 -19.26 20.34 2.07
N PRO A 116 -19.38 21.61 2.48
CA PRO A 116 -18.21 22.51 2.52
C PRO A 116 -17.16 22.16 3.57
N GLN A 117 -17.52 21.37 4.58
CA GLN A 117 -16.56 20.94 5.60
C GLN A 117 -15.44 20.06 5.02
N SER A 118 -15.67 19.48 3.84
CA SER A 118 -14.67 18.66 3.16
C SER A 118 -13.37 19.41 2.88
N GLN A 119 -13.47 20.64 2.36
CA GLN A 119 -12.29 21.46 2.09
C GLN A 119 -11.44 21.65 3.32
N GLY A 120 -12.09 22.02 4.43
CA GLY A 120 -11.41 22.25 5.69
C GLY A 120 -10.74 21.00 6.24
N VAL A 121 -11.41 19.86 6.08
CA VAL A 121 -10.87 18.57 6.52
C VAL A 121 -9.59 18.23 5.75
N ILE A 122 -9.62 18.39 4.43
N ILE A 122 -9.62 18.39 4.43
CA ILE A 122 -8.46 18.18 3.56
CA ILE A 122 -8.45 18.18 3.57
C ILE A 122 -7.32 19.12 3.92
C ILE A 122 -7.31 19.13 3.91
N GLU A 123 -7.66 20.40 4.08
CA GLU A 123 -6.68 21.44 4.39
C GLU A 123 -5.98 21.14 5.71
N SER A 124 -6.77 20.81 6.74
CA SER A 124 -6.26 20.41 8.04
C SER A 124 -5.35 19.17 7.94
N MET A 125 -5.75 18.22 7.09
CA MET A 125 -4.94 17.02 6.88
C MET A 125 -3.58 17.35 6.29
N ASN A 126 -3.56 18.19 5.26
CA ASN A 126 -2.29 18.56 4.62
C ASN A 126 -1.36 19.28 5.60
N LYS A 127 -1.92 20.18 6.39
N LYS A 127 -1.92 20.19 6.39
CA LYS A 127 -1.15 20.91 7.39
CA LYS A 127 -1.14 20.92 7.38
C LYS A 127 -0.59 19.95 8.43
C LYS A 127 -0.58 19.96 8.43
N GLU A 128 -1.40 19.01 8.88
N GLU A 128 -1.40 19.03 8.90
CA GLU A 128 -0.95 18.01 9.84
CA GLU A 128 -0.94 18.07 9.88
C GLU A 128 0.14 17.09 9.23
C GLU A 128 0.14 17.15 9.31
N LEU A 129 -0.06 16.62 7.99
N LEU A 129 -0.06 16.69 8.08
CA LEU A 129 0.95 15.78 7.35
CA LEU A 129 0.93 15.82 7.42
C LEU A 129 2.28 16.50 7.21
C LEU A 129 2.27 16.52 7.25
N LYS A 130 2.24 17.79 6.84
CA LYS A 130 3.47 18.57 6.70
C LYS A 130 4.15 18.81 8.05
N LYS A 131 3.37 18.94 9.11
CA LYS A 131 3.91 19.07 10.47
C LYS A 131 4.67 17.79 10.85
N ILE A 132 4.06 16.63 10.61
CA ILE A 132 4.71 15.36 10.92
C ILE A 132 5.98 15.20 10.08
N ILE A 133 5.89 15.50 8.79
CA ILE A 133 7.07 15.44 7.92
C ILE A 133 8.21 16.30 8.50
N GLY A 134 7.88 17.49 8.99
CA GLY A 134 8.88 18.36 9.63
C GLY A 134 9.50 17.71 10.86
N GLN A 135 8.68 17.03 11.66
CA GLN A 135 9.15 16.35 12.86
C GLN A 135 10.09 15.17 12.58
N VAL A 136 9.98 14.56 11.39
CA VAL A 136 10.84 13.43 11.01
C VAL A 136 11.89 13.78 9.96
N ARG A 137 11.80 14.97 9.37
CA ARG A 137 12.58 15.26 8.16
C ARG A 137 14.06 14.96 8.30
N ASP A 138 14.63 15.27 9.46
CA ASP A 138 16.07 15.06 9.69
C ASP A 138 16.49 13.60 9.84
N GLN A 139 15.52 12.71 10.04
CA GLN A 139 15.78 11.28 10.11
C GLN A 139 15.82 10.62 8.73
N ALA A 140 15.48 11.39 7.70
CA ALA A 140 15.34 10.86 6.35
C ALA A 140 16.21 11.65 5.38
N GLU A 141 17.03 10.93 4.60
N GLU A 141 17.04 10.95 4.61
CA GLU A 141 17.85 11.54 3.55
CA GLU A 141 17.85 11.60 3.57
C GLU A 141 16.97 12.05 2.41
C GLU A 141 16.97 12.06 2.41
N HIS A 142 15.98 11.25 2.03
CA HIS A 142 15.06 11.59 0.93
C HIS A 142 13.65 11.90 1.46
N LEU A 143 12.98 12.85 0.82
CA LEU A 143 11.62 13.23 1.20
C LEU A 143 10.68 12.01 1.24
N LYS A 144 10.83 11.09 0.28
CA LYS A 144 9.89 9.96 0.21
C LYS A 144 9.88 9.13 1.50
N THR A 145 11.04 8.96 2.13
CA THR A 145 11.11 8.27 3.43
C THR A 145 10.34 9.04 4.52
N ALA A 146 10.54 10.35 4.58
CA ALA A 146 9.82 11.19 5.53
C ALA A 146 8.30 11.12 5.34
N VAL A 147 7.87 11.10 4.08
CA VAL A 147 6.44 10.98 3.78
C VAL A 147 5.90 9.64 4.29
N GLN A 148 6.62 8.55 4.06
CA GLN A 148 6.16 7.24 4.55
C GLN A 148 6.21 7.15 6.09
N MET A 149 7.16 7.83 6.71
CA MET A 149 7.17 7.92 8.19
C MET A 149 5.92 8.66 8.66
N ALA A 150 5.54 9.73 7.95
CA ALA A 150 4.34 10.49 8.28
C ALA A 150 3.06 9.68 8.11
N VAL A 151 2.98 8.89 7.03
CA VAL A 151 1.86 7.98 6.82
C VAL A 151 1.73 7.02 8.02
N PHE A 152 2.86 6.44 8.41
CA PHE A 152 2.90 5.52 9.55
C PHE A 152 2.36 6.20 10.81
N ILE A 153 2.93 7.34 11.15
CA ILE A 153 2.54 8.04 12.38
C ILE A 153 1.07 8.42 12.33
N HIS A 154 0.61 8.93 11.19
CA HIS A 154 -0.81 9.30 11.06
C HIS A 154 -1.75 8.11 11.25
N ASN A 155 -1.47 7.00 10.58
CA ASN A 155 -2.36 5.84 10.60
C ASN A 155 -2.38 5.11 11.96
N HIS A 156 -1.32 5.27 12.74
CA HIS A 156 -1.22 4.63 14.07
C HIS A 156 -1.70 5.51 15.23
N LYS A 157 -1.87 6.81 14.98
CA LYS A 157 -2.22 7.76 16.04
C LYS A 157 -3.60 7.48 16.63
N ARG A 158 -3.66 7.35 17.96
CA ARG A 158 -4.95 7.16 18.65
C ARG A 158 -5.64 8.48 18.93
N LYS A 159 -6.93 8.57 18.57
CA LYS A 159 -7.73 9.80 18.74
C LYS A 159 -8.95 9.52 19.63
N GLY A 164 -10.30 4.86 22.42
CA GLY A 164 -9.73 5.64 21.33
C GLY A 164 -9.01 4.79 20.30
N TYR A 165 -9.49 4.81 19.06
CA TYR A 165 -8.94 3.97 17.99
C TYR A 165 -8.12 4.79 17.00
N SER A 166 -7.24 4.09 16.28
CA SER A 166 -6.46 4.71 15.22
C SER A 166 -7.19 4.61 13.88
N ALA A 167 -6.74 5.39 12.91
CA ALA A 167 -7.30 5.32 11.56
C ALA A 167 -7.15 3.91 10.97
N GLY A 168 -6.00 3.28 11.21
CA GLY A 168 -5.76 1.90 10.74
C GLY A 168 -6.74 0.90 11.33
N GLU A 169 -7.05 1.07 12.61
CA GLU A 169 -8.04 0.23 13.28
C GLU A 169 -9.44 0.49 12.72
N ARG A 170 -9.78 1.75 12.50
CA ARG A 170 -11.11 2.13 12.00
C ARG A 170 -11.37 1.59 10.59
N ILE A 171 -10.39 1.68 9.69
CA ILE A 171 -10.61 1.20 8.33
C ILE A 171 -10.85 -0.32 8.30
N VAL A 172 -10.06 -1.07 9.07
CA VAL A 172 -10.21 -2.52 9.12
C VAL A 172 -11.59 -2.92 9.68
N ASP A 173 -12.00 -2.25 10.75
CA ASP A 173 -13.32 -2.50 11.36
CA ASP A 173 -13.31 -2.50 11.37
C ASP A 173 -14.46 -2.19 10.41
N ILE A 174 -14.38 -1.05 9.73
CA ILE A 174 -15.40 -0.65 8.77
C ILE A 174 -15.52 -1.67 7.64
N ILE A 175 -14.40 -2.08 7.07
CA ILE A 175 -14.41 -3.02 5.96
C ILE A 175 -14.85 -4.42 6.41
N ALA A 176 -14.38 -4.85 7.58
CA ALA A 176 -14.74 -6.18 8.11
C ALA A 176 -16.24 -6.26 8.36
N THR A 177 -16.82 -5.20 8.92
CA THR A 177 -18.26 -5.16 9.15
C THR A 177 -19.03 -5.24 7.83
N ASP A 178 -18.53 -4.54 6.81
CA ASP A 178 -19.13 -4.57 5.47
C ASP A 178 -19.06 -5.96 4.81
N ILE A 179 -17.96 -6.67 5.00
CA ILE A 179 -17.82 -8.02 4.45
C ILE A 179 -18.86 -8.95 5.08
N GLN A 180 -19.16 -8.76 6.36
CA GLN A 180 -20.19 -9.56 7.02
C GLN A 180 -21.61 -9.02 6.67
N THR A 181 -21.89 -8.81 5.38
CA THR A 181 -23.22 -8.41 4.92
C THR A 181 -23.58 -9.10 3.60
N SER B 27 2.23 -13.64 17.32
CA SER B 27 0.76 -13.52 17.05
C SER B 27 0.50 -13.43 15.54
N SER B 28 -0.25 -14.42 15.05
CA SER B 28 -0.53 -14.63 13.62
C SER B 28 -1.10 -13.44 12.81
N PRO B 29 -1.95 -12.60 13.41
CA PRO B 29 -2.41 -11.44 12.63
C PRO B 29 -1.29 -10.50 12.13
N GLY B 30 -0.17 -10.44 12.85
CA GLY B 30 0.92 -9.52 12.49
C GLY B 30 2.11 -10.13 11.77
N ILE B 31 2.01 -11.37 11.30
CA ILE B 31 3.18 -12.07 10.73
C ILE B 31 3.21 -11.99 9.21
N TRP B 32 4.32 -11.46 8.68
CA TRP B 32 4.54 -11.31 7.26
C TRP B 32 5.84 -12.00 6.86
N GLN B 33 5.92 -12.39 5.60
CA GLN B 33 7.10 -13.02 5.03
C GLN B 33 7.55 -12.28 3.77
N LEU B 34 8.83 -11.96 3.71
CA LEU B 34 9.42 -11.33 2.52
C LEU B 34 9.81 -12.40 1.51
N ASP B 35 9.70 -12.03 0.24
CA ASP B 35 9.99 -12.93 -0.87
C ASP B 35 10.53 -12.09 -2.03
N CYS B 36 11.63 -12.55 -2.62
CA CYS B 36 12.26 -11.84 -3.72
C CYS B 36 12.31 -12.78 -4.92
N THR B 37 11.75 -12.34 -6.04
CA THR B 37 11.75 -13.13 -7.27
C THR B 37 12.20 -12.27 -8.44
N HIS B 38 12.60 -12.89 -9.54
CA HIS B 38 13.19 -12.18 -10.67
C HIS B 38 12.38 -12.37 -11.96
N LEU B 39 12.32 -11.32 -12.77
CA LEU B 39 11.64 -11.36 -14.06
C LEU B 39 12.11 -10.18 -14.91
N GLU B 40 12.35 -10.44 -16.20
CA GLU B 40 12.79 -9.42 -17.16
C GLU B 40 14.07 -8.67 -16.75
N GLY B 41 14.98 -9.38 -16.09
CA GLY B 41 16.20 -8.78 -15.58
C GLY B 41 16.00 -7.80 -14.43
N LYS B 42 14.80 -7.83 -13.82
CA LYS B 42 14.48 -6.96 -12.71
C LYS B 42 14.08 -7.80 -11.51
N VAL B 43 13.89 -7.15 -10.38
CA VAL B 43 13.59 -7.78 -9.12
C VAL B 43 12.19 -7.39 -8.69
N ILE B 44 11.40 -8.38 -8.26
CA ILE B 44 10.08 -8.13 -7.68
C ILE B 44 10.15 -8.52 -6.23
N LEU B 45 9.93 -7.56 -5.35
CA LEU B 45 9.94 -7.77 -3.92
C LEU B 45 8.50 -7.91 -3.45
N VAL B 46 8.20 -9.01 -2.75
CA VAL B 46 6.85 -9.34 -2.32
C VAL B 46 6.82 -9.49 -0.80
N ALA B 47 5.77 -8.96 -0.17
CA ALA B 47 5.49 -9.25 1.23
C ALA B 47 4.18 -10.02 1.28
N VAL B 48 4.20 -11.18 1.94
N VAL B 48 4.19 -11.20 1.88
CA VAL B 48 3.02 -12.01 2.08
CA VAL B 48 2.95 -11.97 2.02
C VAL B 48 2.54 -12.03 3.52
C VAL B 48 2.52 -12.05 3.48
N HIS B 49 1.25 -11.76 3.73
CA HIS B 49 0.64 -11.93 5.04
C HIS B 49 0.34 -13.41 5.17
N VAL B 50 1.08 -14.09 6.03
CA VAL B 50 1.16 -15.54 6.03
C VAL B 50 -0.20 -16.21 6.25
N ALA B 51 -0.97 -15.69 7.19
CA ALA B 51 -2.26 -16.29 7.55
C ALA B 51 -3.35 -16.16 6.47
N SER B 52 -3.27 -15.12 5.64
CA SER B 52 -4.30 -14.83 4.62
C SER B 52 -3.89 -15.12 3.17
N GLY B 53 -2.59 -15.00 2.88
CA GLY B 53 -2.11 -15.05 1.50
C GLY B 53 -2.14 -13.70 0.80
N TYR B 54 -2.55 -12.65 1.50
CA TYR B 54 -2.61 -11.31 0.93
C TYR B 54 -1.19 -10.82 0.68
N ILE B 55 -1.00 -10.10 -0.42
CA ILE B 55 0.33 -9.61 -0.78
C ILE B 55 0.38 -8.12 -1.12
N GLU B 56 1.56 -7.55 -0.92
CA GLU B 56 1.95 -6.28 -1.53
C GLU B 56 3.26 -6.56 -2.26
N ALA B 57 3.53 -5.83 -3.34
CA ALA B 57 4.73 -6.07 -4.14
C ALA B 57 5.18 -4.79 -4.83
N GLU B 58 6.48 -4.76 -5.16
CA GLU B 58 7.07 -3.64 -5.90
CA GLU B 58 7.07 -3.64 -5.90
C GLU B 58 8.16 -4.18 -6.82
N VAL B 59 8.41 -3.46 -7.91
CA VAL B 59 9.55 -3.72 -8.76
C VAL B 59 10.68 -2.79 -8.34
N ILE B 60 11.87 -3.37 -8.16
CA ILE B 60 13.07 -2.58 -7.85
C ILE B 60 14.21 -2.97 -8.79
N PRO B 61 15.20 -2.07 -8.97
CA PRO B 61 16.30 -2.43 -9.87
C PRO B 61 17.11 -3.61 -9.35
N ALA B 62 17.32 -3.64 -8.03
CA ALA B 62 18.09 -4.69 -7.38
C ALA B 62 17.71 -4.74 -5.91
N GLU B 63 17.85 -5.90 -5.26
N GLU B 63 17.81 -5.92 -5.30
CA GLU B 63 17.47 -6.03 -3.85
CA GLU B 63 17.54 -6.04 -3.88
C GLU B 63 18.55 -5.58 -2.87
C GLU B 63 18.73 -5.50 -3.11
N THR B 64 18.57 -4.30 -2.56
CA THR B 64 19.53 -3.72 -1.64
C THR B 64 18.87 -3.57 -0.27
N GLY B 65 19.67 -3.32 0.75
CA GLY B 65 19.15 -3.02 2.07
C GLY B 65 18.28 -1.77 2.07
N GLN B 66 18.71 -0.74 1.36
N GLN B 66 18.71 -0.74 1.36
CA GLN B 66 17.94 0.50 1.29
CA GLN B 66 17.96 0.51 1.26
C GLN B 66 16.56 0.30 0.66
C GLN B 66 16.57 0.29 0.66
N GLU B 67 16.49 -0.48 -0.41
CA GLU B 67 15.19 -0.77 -1.07
C GLU B 67 14.30 -1.61 -0.16
N THR B 68 14.88 -2.62 0.48
CA THR B 68 14.12 -3.48 1.38
C THR B 68 13.60 -2.69 2.58
N ALA B 69 14.46 -1.84 3.16
CA ALA B 69 14.08 -0.99 4.29
C ALA B 69 12.90 -0.09 3.96
N TYR B 70 12.97 0.56 2.80
CA TYR B 70 11.89 1.46 2.35
C TYR B 70 10.58 0.70 2.13
N PHE B 71 10.67 -0.47 1.52
CA PHE B 71 9.51 -1.34 1.28
C PHE B 71 8.83 -1.72 2.60
N LEU B 72 9.62 -2.08 3.61
CA LEU B 72 9.09 -2.44 4.93
C LEU B 72 8.46 -1.24 5.66
N LEU B 73 9.06 -0.07 5.51
CA LEU B 73 8.49 1.14 6.08
C LEU B 73 7.10 1.41 5.49
N LYS B 74 6.98 1.28 4.18
CA LYS B 74 5.68 1.46 3.52
CA LYS B 74 5.68 1.47 3.52
C LYS B 74 4.66 0.45 4.03
N LEU B 75 5.07 -0.82 4.06
CA LEU B 75 4.19 -1.90 4.48
C LEU B 75 3.63 -1.66 5.89
N ALA B 76 4.52 -1.30 6.81
CA ALA B 76 4.16 -1.14 8.22
C ALA B 76 3.32 0.09 8.51
N GLY B 77 3.36 1.08 7.63
CA GLY B 77 2.48 2.24 7.75
C GLY B 77 1.06 1.92 7.30
N ARG B 78 0.91 0.82 6.55
CA ARG B 78 -0.36 0.45 5.93
C ARG B 78 -1.08 -0.70 6.64
N TRP B 79 -0.32 -1.64 7.22
CA TRP B 79 -0.87 -2.77 7.98
C TRP B 79 -0.11 -2.93 9.30
N PRO B 80 -0.74 -3.57 10.32
CA PRO B 80 -0.08 -3.71 11.63
C PRO B 80 0.94 -4.86 11.61
N VAL B 81 2.14 -4.54 11.13
CA VAL B 81 3.19 -5.53 10.93
C VAL B 81 3.96 -5.71 12.24
N LYS B 82 3.86 -6.90 12.83
CA LYS B 82 4.54 -7.20 14.10
C LYS B 82 5.86 -7.93 13.86
N THR B 83 5.83 -8.88 12.95
CA THR B 83 6.97 -9.75 12.70
C THR B 83 7.15 -9.90 11.19
N VAL B 84 8.40 -9.79 10.75
CA VAL B 84 8.76 -10.05 9.36
CA VAL B 84 8.75 -10.05 9.36
C VAL B 84 9.81 -11.15 9.29
N HIS B 85 9.48 -12.23 8.57
CA HIS B 85 10.46 -13.26 8.26
C HIS B 85 11.17 -12.79 7.01
N THR B 86 12.43 -12.42 7.16
CA THR B 86 13.20 -11.85 6.05
CA THR B 86 13.21 -11.85 6.08
C THR B 86 13.52 -12.93 5.02
N ASP B 87 13.74 -12.51 3.79
CA ASP B 87 13.86 -13.44 2.66
C ASP B 87 15.24 -14.06 2.48
N ASN B 88 16.27 -13.42 3.03
CA ASN B 88 17.63 -13.96 2.97
C ASN B 88 18.50 -13.38 4.08
N GLY B 89 19.71 -13.90 4.20
CA GLY B 89 20.63 -13.50 5.27
C GLY B 89 21.21 -12.10 5.12
N SER B 90 21.30 -11.62 3.88
CA SER B 90 21.82 -10.27 3.64
C SER B 90 20.85 -9.22 4.17
N ASN B 91 19.56 -9.37 3.88
CA ASN B 91 18.53 -8.49 4.45
C ASN B 91 18.37 -8.65 5.97
N PHE B 92 18.56 -9.86 6.48
CA PHE B 92 18.53 -10.09 7.93
C PHE B 92 19.67 -9.33 8.62
N THR B 93 20.83 -9.33 7.97
CA THR B 93 22.03 -8.71 8.52
C THR B 93 22.06 -7.19 8.35
N SER B 94 21.48 -6.71 7.26
CA SER B 94 21.55 -5.30 6.84
C SER B 94 21.24 -4.30 7.96
N THR B 95 22.16 -3.37 8.20
CA THR B 95 21.93 -2.33 9.22
C THR B 95 20.77 -1.41 8.81
N THR B 96 20.64 -1.16 7.51
N THR B 96 20.64 -1.14 7.50
CA THR B 96 19.57 -0.33 6.98
CA THR B 96 19.55 -0.32 6.98
C THR B 96 18.20 -0.99 7.19
C THR B 96 18.19 -0.99 7.18
N VAL B 97 18.12 -2.29 6.93
CA VAL B 97 16.89 -3.05 7.17
C VAL B 97 16.60 -3.09 8.68
N LYS B 98 17.63 -3.34 9.49
CA LYS B 98 17.44 -3.34 10.95
C LYS B 98 16.95 -1.98 11.46
N ALA B 99 17.47 -0.89 10.89
CA ALA B 99 17.05 0.46 11.26
C ALA B 99 15.57 0.72 10.94
N ALA B 100 15.13 0.27 9.77
CA ALA B 100 13.73 0.40 9.38
C ALA B 100 12.81 -0.43 10.29
N CYS B 101 13.22 -1.65 10.60
CA CYS B 101 12.45 -2.48 11.50
C CYS B 101 12.35 -1.86 12.89
N TRP B 102 13.47 -1.34 13.40
CA TRP B 102 13.46 -0.61 14.66
C TRP B 102 12.48 0.56 14.58
N TRP B 103 12.59 1.37 13.53
CA TRP B 103 11.78 2.58 13.40
C TRP B 103 10.29 2.23 13.43
N ALA B 104 9.92 1.22 12.64
CA ALA B 104 8.52 0.85 12.43
C ALA B 104 7.97 -0.14 13.46
N GLY B 105 8.77 -0.52 14.46
CA GLY B 105 8.29 -1.45 15.50
C GLY B 105 8.11 -2.88 15.03
N ILE B 106 8.94 -3.31 14.09
CA ILE B 106 8.87 -4.65 13.52
C ILE B 106 9.94 -5.55 14.13
N LYS B 107 9.53 -6.73 14.57
CA LYS B 107 10.46 -7.78 14.98
CA LYS B 107 10.48 -7.77 14.98
C LYS B 107 11.00 -8.47 13.73
N GLN B 108 12.29 -8.32 13.49
CA GLN B 108 12.93 -8.89 12.33
C GLN B 108 13.38 -10.29 12.69
N GLU B 109 12.89 -11.28 11.94
CA GLU B 109 13.26 -12.67 12.16
C GLU B 109 13.87 -13.26 10.91
N ASP B 110 14.46 -14.45 11.04
CA ASP B 110 14.94 -15.19 9.89
C ASP B 110 13.74 -15.79 9.13
N GLY B 111 14.01 -16.39 7.99
CA GLY B 111 12.96 -16.98 7.15
C GLY B 111 13.22 -18.46 6.91
N ILE B 112 13.96 -19.07 7.83
CA ILE B 112 14.34 -20.47 7.71
C ILE B 112 13.07 -21.32 7.78
N PRO B 113 12.79 -22.13 6.73
CA PRO B 113 11.56 -22.90 6.75
C PRO B 113 11.67 -24.12 7.67
N TYR B 114 11.49 -23.89 8.97
CA TYR B 114 11.47 -24.96 9.96
C TYR B 114 10.36 -25.95 9.61
N ASN B 115 9.22 -25.40 9.17
CA ASN B 115 8.21 -26.18 8.48
C ASN B 115 8.55 -26.16 6.99
N PRO B 116 8.88 -27.33 6.41
CA PRO B 116 9.37 -27.37 5.02
C PRO B 116 8.33 -27.02 3.96
N GLN B 117 7.05 -27.08 4.30
CA GLN B 117 5.98 -26.68 3.36
C GLN B 117 6.04 -25.21 2.98
N SER B 118 6.73 -24.40 3.79
CA SER B 118 6.91 -22.97 3.50
C SER B 118 7.59 -22.71 2.16
N GLN B 119 8.69 -23.42 1.88
CA GLN B 119 9.43 -23.26 0.62
C GLN B 119 8.53 -23.53 -0.60
N GLY B 120 7.74 -24.61 -0.53
CA GLY B 120 6.80 -24.95 -1.59
C GLY B 120 5.69 -23.92 -1.78
N VAL B 121 5.18 -23.38 -0.68
CA VAL B 121 4.13 -22.35 -0.72
C VAL B 121 4.64 -21.08 -1.41
N ILE B 122 5.85 -20.64 -1.04
N ILE B 122 5.84 -20.63 -1.06
CA ILE B 122 6.49 -19.49 -1.67
CA ILE B 122 6.43 -19.44 -1.69
C ILE B 122 6.75 -19.72 -3.15
C ILE B 122 6.80 -19.69 -3.15
N GLU B 123 7.28 -20.90 -3.46
CA GLU B 123 7.59 -21.28 -4.85
C GLU B 123 6.33 -21.24 -5.71
N SER B 124 5.27 -21.88 -5.21
N SER B 124 5.25 -21.86 -5.21
CA SER B 124 3.97 -21.87 -5.88
CA SER B 124 3.99 -21.86 -5.93
C SER B 124 3.43 -20.46 -6.07
C SER B 124 3.40 -20.46 -6.07
N MET B 125 3.62 -19.60 -5.07
CA MET B 125 3.20 -18.21 -5.16
C MET B 125 3.93 -17.47 -6.27
N ASN B 126 5.24 -17.62 -6.34
CA ASN B 126 6.03 -16.96 -7.37
C ASN B 126 5.62 -17.41 -8.77
N LYS B 127 5.41 -18.71 -8.94
CA LYS B 127 4.98 -19.26 -10.22
CA LYS B 127 4.98 -19.25 -10.23
C LYS B 127 3.60 -18.71 -10.60
N GLU B 128 2.69 -18.65 -9.65
N GLU B 128 2.68 -18.66 -9.65
CA GLU B 128 1.36 -18.10 -9.90
CA GLU B 128 1.35 -18.11 -9.88
C GLU B 128 1.41 -16.61 -10.23
C GLU B 128 1.43 -16.62 -10.23
N LEU B 129 2.21 -15.85 -9.49
N LEU B 129 2.23 -15.87 -9.48
CA LEU B 129 2.35 -14.41 -9.77
CA LEU B 129 2.39 -14.44 -9.73
C LEU B 129 2.90 -14.18 -11.17
C LEU B 129 2.89 -14.19 -11.15
N LYS B 130 3.92 -14.95 -11.56
CA LYS B 130 4.49 -14.81 -12.90
C LYS B 130 3.51 -15.19 -14.01
N LYS B 131 2.66 -16.17 -13.73
CA LYS B 131 1.60 -16.56 -14.66
C LYS B 131 0.63 -15.39 -14.86
N ILE B 132 0.20 -14.77 -13.78
CA ILE B 132 -0.72 -13.63 -13.88
C ILE B 132 -0.05 -12.48 -14.62
N ILE B 133 1.20 -12.18 -14.28
CA ILE B 133 1.95 -11.14 -14.98
C ILE B 133 1.96 -11.41 -16.50
N GLY B 134 2.16 -12.67 -16.88
CA GLY B 134 2.11 -13.05 -18.30
C GLY B 134 0.76 -12.78 -18.93
N GLN B 135 -0.31 -13.05 -18.18
CA GLN B 135 -1.68 -12.83 -18.66
C GLN B 135 -2.02 -11.35 -18.85
N VAL B 136 -1.35 -10.46 -18.13
CA VAL B 136 -1.59 -9.01 -18.26
C VAL B 136 -0.48 -8.25 -18.97
N ARG B 137 0.65 -8.92 -19.23
CA ARG B 137 1.87 -8.20 -19.64
C ARG B 137 1.65 -7.26 -20.81
N ASP B 138 0.84 -7.68 -21.79
CA ASP B 138 0.60 -6.86 -22.99
C ASP B 138 -0.29 -5.63 -22.75
N GLN B 139 -0.96 -5.59 -21.60
CA GLN B 139 -1.77 -4.42 -21.23
C GLN B 139 -0.94 -3.34 -20.56
N ALA B 140 0.32 -3.63 -20.28
CA ALA B 140 1.20 -2.75 -19.53
C ALA B 140 2.47 -2.46 -20.32
N GLU B 141 2.80 -1.18 -20.48
CA GLU B 141 4.06 -0.78 -21.11
C GLU B 141 5.25 -1.11 -20.21
N HIS B 142 5.10 -0.85 -18.91
CA HIS B 142 6.16 -1.09 -17.92
C HIS B 142 5.82 -2.28 -17.03
N LEU B 143 6.84 -3.07 -16.67
CA LEU B 143 6.65 -4.22 -15.80
C LEU B 143 5.95 -3.85 -14.50
N LYS B 144 6.26 -2.68 -13.92
CA LYS B 144 5.69 -2.33 -12.62
C LYS B 144 4.16 -2.28 -12.65
N THR B 145 3.58 -1.80 -13.75
CA THR B 145 2.13 -1.82 -13.92
C THR B 145 1.58 -3.26 -13.93
N ALA B 146 2.23 -4.15 -14.68
CA ALA B 146 1.84 -5.55 -14.73
C ALA B 146 1.90 -6.21 -13.36
N VAL B 147 2.94 -5.89 -12.60
CA VAL B 147 3.07 -6.43 -11.24
C VAL B 147 1.91 -5.95 -10.36
N GLN B 148 1.54 -4.67 -10.43
CA GLN B 148 0.42 -4.19 -9.62
C GLN B 148 -0.92 -4.75 -10.10
N MET B 149 -1.06 -5.01 -11.40
CA MET B 149 -2.25 -5.72 -11.89
C MET B 149 -2.32 -7.13 -11.30
N ALA B 150 -1.17 -7.79 -11.22
CA ALA B 150 -1.09 -9.14 -10.65
C ALA B 150 -1.42 -9.14 -9.15
N VAL B 151 -0.93 -8.14 -8.41
CA VAL B 151 -1.27 -7.98 -6.99
C VAL B 151 -2.80 -7.86 -6.83
N PHE B 152 -3.39 -7.02 -7.67
CA PHE B 152 -4.84 -6.82 -7.65
C PHE B 152 -5.57 -8.14 -7.89
N ILE B 153 -5.23 -8.82 -8.97
CA ILE B 153 -5.91 -10.07 -9.31
C ILE B 153 -5.73 -11.11 -8.21
N HIS B 154 -4.52 -11.24 -7.69
CA HIS B 154 -4.26 -12.19 -6.61
C HIS B 154 -5.09 -11.91 -5.36
N ASN B 155 -5.09 -10.67 -4.90
CA ASN B 155 -5.77 -10.29 -3.67
C ASN B 155 -7.30 -10.36 -3.75
N HIS B 156 -7.85 -10.25 -4.96
CA HIS B 156 -9.30 -10.30 -5.17
C HIS B 156 -9.84 -11.70 -5.50
N LYS B 157 -8.95 -12.63 -5.85
CA LYS B 157 -9.36 -13.97 -6.30
C LYS B 157 -10.07 -14.76 -5.19
N ARG B 158 -11.26 -15.26 -5.49
CA ARG B 158 -12.00 -16.09 -4.53
C ARG B 158 -11.55 -17.55 -4.60
N LYS B 159 -11.21 -18.11 -3.45
CA LYS B 159 -10.55 -19.42 -3.40
C LYS B 159 -11.54 -20.49 -2.93
N GLY B 164 -16.59 -18.89 -0.06
CA GLY B 164 -15.27 -18.68 -0.65
C GLY B 164 -14.83 -17.23 -0.56
N TYR B 165 -13.77 -16.97 0.21
CA TYR B 165 -13.29 -15.61 0.44
C TYR B 165 -11.98 -15.34 -0.31
N SER B 166 -11.70 -14.05 -0.52
CA SER B 166 -10.44 -13.64 -1.13
C SER B 166 -9.39 -13.38 -0.06
N ALA B 167 -8.13 -13.28 -0.47
CA ALA B 167 -7.04 -12.95 0.44
C ALA B 167 -7.30 -11.59 1.11
N GLY B 168 -7.79 -10.63 0.35
CA GLY B 168 -8.11 -9.29 0.88
C GLY B 168 -9.17 -9.33 1.95
N GLU B 169 -10.19 -10.17 1.75
CA GLU B 169 -11.23 -10.36 2.75
C GLU B 169 -10.68 -11.06 4.00
N ARG B 170 -9.83 -12.06 3.80
CA ARG B 170 -9.26 -12.83 4.91
C ARG B 170 -8.37 -11.97 5.81
N ILE B 171 -7.52 -11.13 5.22
CA ILE B 171 -6.63 -10.29 6.03
C ILE B 171 -7.41 -9.31 6.89
N VAL B 172 -8.43 -8.68 6.33
CA VAL B 172 -9.24 -7.71 7.06
C VAL B 172 -9.97 -8.39 8.22
N ASP B 173 -10.55 -9.56 7.96
CA ASP B 173 -11.26 -10.35 8.99
CA ASP B 173 -11.26 -10.32 8.99
C ASP B 173 -10.33 -10.77 10.12
N ILE B 174 -9.15 -11.26 9.76
CA ILE B 174 -8.16 -11.68 10.75
C ILE B 174 -7.75 -10.51 11.64
N ILE B 175 -7.44 -9.37 11.04
CA ILE B 175 -7.00 -8.21 11.81
C ILE B 175 -8.14 -7.62 12.64
N ALA B 176 -9.33 -7.55 12.07
CA ALA B 176 -10.50 -7.02 12.77
C ALA B 176 -10.82 -7.86 14.01
N THR B 177 -10.76 -9.17 13.87
CA THR B 177 -11.00 -10.08 14.99
C THR B 177 -9.95 -9.86 16.10
N ASP B 178 -8.69 -9.66 15.69
CA ASP B 178 -7.60 -9.38 16.63
C ASP B 178 -7.79 -8.05 17.38
N ILE B 179 -8.28 -7.03 16.69
CA ILE B 179 -8.56 -5.74 17.33
C ILE B 179 -9.68 -5.88 18.39
N GLN B 180 -10.68 -6.71 18.11
CA GLN B 180 -11.86 -6.89 18.98
C GLN B 180 -11.62 -7.84 20.15
N THR B 181 -10.95 -8.96 19.92
CA THR B 181 -10.69 -9.94 20.98
C THR B 181 -9.90 -9.29 22.14
S SO4 C . -0.45 22.78 -1.32
O1 SO4 C . -0.63 22.45 -2.76
O2 SO4 C . -0.74 24.20 -1.06
O3 SO4 C . 0.94 22.48 -0.92
O4 SO4 C . -1.41 21.99 -0.50
S SO4 D . 15.12 13.91 -2.27
O1 SO4 D . 14.73 12.55 -2.71
O2 SO4 D . 14.27 14.35 -1.15
O3 SO4 D . 14.98 14.84 -3.41
O4 SO4 D . 16.53 13.89 -1.81
S SO4 E . -3.28 11.64 -19.84
O1 SO4 E . -1.99 11.01 -19.49
O2 SO4 E . -3.07 12.62 -20.92
O3 SO4 E . -3.83 12.34 -18.65
O4 SO4 E . -4.23 10.59 -20.30
C ACT F . 0.35 3.71 -2.54
O ACT F . 0.67 4.19 -1.43
OXT ACT F . 1.23 3.38 -3.37
CH3 ACT F . -1.10 3.53 -2.91
CL CL G . 2.16 18.99 -10.48
CL CL H . 4.18 5.67 -13.17
C1 EDO I . -2.56 0.70 15.39
O1 EDO I . -3.01 1.41 14.23
C2 EDO I . -2.70 1.52 16.66
O2 EDO I . -1.55 2.36 16.88
C1 EDO J . -9.33 -5.87 -2.00
O1 EDO J . -9.55 -7.28 -2.18
C2 EDO J . -7.89 -5.54 -2.34
O2 EDO J . -7.02 -6.36 -1.55
C1 EDO K . 16.46 6.97 4.25
O1 EDO K . 16.04 8.06 3.41
C2 EDO K . 16.69 7.44 5.69
O2 EDO K . 16.27 6.45 6.64
O1 H75 L . -8.34 11.82 10.45
C2 H75 L . -8.79 12.13 9.35
N3 H75 L . -10.08 11.97 8.90
C4 H75 L . -11.16 11.41 9.67
C5 H75 L . -12.39 11.18 8.83
C6 H75 L . -12.60 12.33 7.87
C7 H75 L . -11.47 12.38 6.87
C8 H75 L . -10.19 12.43 7.63
C9 H75 L . -9.01 12.87 7.24
N10 H75 L . -8.15 12.70 8.29
C11 H75 L . -6.78 12.96 8.33
C12 H75 L . -5.91 12.24 7.56
C13 H75 L . -4.56 12.49 7.66
C14 H75 L . -4.10 13.47 8.52
BR H75 L . -2.25 13.80 8.67
C16 H75 L . -5.00 14.19 9.28
C17 H75 L . -6.34 13.95 9.18
C ACT M . 6.39 1.88 -6.67
O ACT M . 7.59 1.71 -6.37
OXT ACT M . 5.59 1.00 -7.05
CH3 ACT M . 5.88 3.27 -6.57
N LYS N . -8.97 -8.42 21.78
CA LYS N . -8.26 -7.60 22.76
C LYS N . -9.13 -6.38 23.11
O LYS N . -8.65 -5.42 23.69
CB LYS N . -6.92 -7.15 22.20
S SO4 O . 13.37 -16.51 -8.89
O1 SO4 O . 13.88 -17.81 -9.33
O2 SO4 O . 12.98 -15.70 -10.06
O3 SO4 O . 14.41 -15.76 -8.14
O4 SO4 O . 12.22 -16.77 -8.00
S SO4 P . 10.04 -1.44 -17.99
O1 SO4 P . 11.49 -1.71 -17.94
O2 SO4 P . 9.68 -0.90 -19.32
O3 SO4 P . 9.72 -0.45 -16.95
O4 SO4 P . 9.29 -2.70 -17.78
S SO4 Q . 23.45 -2.32 4.23
O1 SO4 Q . 24.39 -3.25 4.90
O2 SO4 Q . 24.21 -1.60 3.19
O3 SO4 Q . 22.91 -1.36 5.23
O4 SO4 Q . 22.34 -3.10 3.64
C ACT R . 4.36 -1.62 -0.90
O ACT R . 4.90 -0.55 -1.26
OXT ACT R . 3.66 -2.28 -1.71
CH3 ACT R . 4.56 -2.10 0.50
C ACT S . 7.17 4.62 -3.78
O ACT S . 7.31 3.40 -3.96
OXT ACT S . 6.91 5.11 -2.66
CH3 ACT S . 7.33 5.55 -4.96
CL CL T . 19.19 -8.49 -6.64
C1 EDO U . -1.43 -0.10 11.34
O1 EDO U . -2.71 0.35 11.78
C2 EDO U . -1.02 0.65 10.08
O2 EDO U . -2.12 1.31 9.47
C1 EDO V . -0.09 1.60 -18.35
O1 EDO V . -1.07 0.62 -18.76
C2 EDO V . 1.26 1.26 -18.96
O2 EDO V . 2.26 1.02 -17.95
#